data_3R3H
#
_entry.id   3R3H
#
_cell.length_a   52.254
_cell.length_b   52.254
_cell.length_c   659.278
_cell.angle_alpha   90.00
_cell.angle_beta   90.00
_cell.angle_gamma   120.00
#
_symmetry.space_group_name_H-M   'P 61 2 2'
#
loop_
_entity.id
_entity.type
_entity.pdbx_description
1 polymer 'O-methyltransferase, SAM-dependent'
2 water water
#
_entity_poly.entity_id   1
_entity_poly.type   'polypeptide(L)'
_entity_poly.pdbx_seq_one_letter_code
;MVMKHLSLTPELYKYLLDISLREHPALAALRKETSTMELANMQVAPEQAQFMQMLIRLTRAKKVLELGTFTGYSALAMSL
ALPDDGQVITCDINEGWTKHAHPYWREAKQEHKIKLRLGPALDTLHSLLNEGGEHQFDFIFIDADKTNYLNYYELALKLV
TPKGLIAIDNIFWDGKVIDPNDTSGQTREIKKLNQVIKNDSRVFVSLLAIADGMFLVQPIAENLYFQSHHHHHHWSHPQF
EK
;
_entity_poly.pdbx_strand_id   A,B
#
# COMPACT_ATOMS: atom_id res chain seq x y z
N LYS A 4 -0.89 -2.92 19.93
CA LYS A 4 -1.94 -1.87 19.91
C LYS A 4 -2.31 -1.47 18.48
N HIS A 5 -3.59 -1.18 18.25
CA HIS A 5 -4.08 -0.79 16.93
C HIS A 5 -4.30 0.72 16.79
N LEU A 6 -3.87 1.30 15.66
CA LEU A 6 -3.97 2.74 15.40
C LEU A 6 -5.39 3.25 15.14
N SER A 7 -5.95 3.97 16.11
CA SER A 7 -7.30 4.53 16.01
C SER A 7 -7.21 5.87 15.27
N LEU A 8 -7.63 5.90 14.02
CA LEU A 8 -7.56 7.14 13.25
C LEU A 8 -8.70 8.05 13.66
N THR A 9 -8.34 9.25 14.13
CA THR A 9 -9.30 10.26 14.56
C THR A 9 -9.37 11.35 13.49
N PRO A 10 -10.38 12.25 13.57
CA PRO A 10 -10.53 13.33 12.59
C PRO A 10 -9.35 14.28 12.61
N GLU A 11 -8.82 14.52 13.80
CA GLU A 11 -7.69 15.43 13.98
C GLU A 11 -6.43 14.89 13.34
N LEU A 12 -6.22 13.58 13.43
CA LEU A 12 -5.03 12.95 12.86
C LEU A 12 -5.17 12.79 11.34
N TYR A 13 -6.38 12.51 10.90
CA TYR A 13 -6.66 12.34 9.48
C TYR A 13 -6.38 13.68 8.84
N LYS A 14 -6.69 14.74 9.57
CA LYS A 14 -6.46 16.11 9.13
C LYS A 14 -4.96 16.30 8.90
N TYR A 15 -4.16 15.78 9.83
CA TYR A 15 -2.70 15.86 9.79
C TYR A 15 -2.16 15.04 8.61
N LEU A 16 -2.64 13.81 8.50
CA LEU A 16 -2.23 12.91 7.43
C LEU A 16 -2.37 13.64 6.11
N LEU A 17 -3.58 14.10 5.86
CA LEU A 17 -3.92 14.85 4.65
C LEU A 17 -2.96 16.02 4.41
N ASP A 18 -2.76 16.83 5.46
CA ASP A 18 -1.91 18.00 5.40
C ASP A 18 -0.49 17.73 4.90
N ILE A 19 0.16 16.74 5.51
CA ILE A 19 1.52 16.39 5.16
C ILE A 19 1.70 15.52 3.90
N SER A 20 0.63 14.89 3.41
CA SER A 20 0.81 14.04 2.24
C SER A 20 -0.09 14.32 1.03
N LEU A 21 -1.32 14.78 1.26
CA LEU A 21 -2.21 15.05 0.14
C LEU A 21 -1.65 16.10 -0.78
N ARG A 22 -1.37 15.69 -2.01
CA ARG A 22 -0.85 16.58 -3.03
C ARG A 22 -1.84 16.45 -4.18
N GLU A 23 -3.04 16.98 -3.90
CA GLU A 23 -4.18 16.95 -4.82
C GLU A 23 -4.17 17.98 -5.94
N HIS A 24 -4.51 17.52 -7.13
CA HIS A 24 -4.56 18.39 -8.30
C HIS A 24 -5.87 19.20 -8.26
N PRO A 25 -5.80 20.50 -8.58
CA PRO A 25 -6.96 21.41 -8.57
C PRO A 25 -8.27 20.89 -9.15
N ALA A 26 -8.20 20.27 -10.32
CA ALA A 26 -9.39 19.72 -10.97
C ALA A 26 -9.96 18.62 -10.08
N LEU A 27 -9.08 17.86 -9.43
CA LEU A 27 -9.51 16.79 -8.53
C LEU A 27 -10.23 17.42 -7.35
N ALA A 28 -9.53 18.28 -6.63
CA ALA A 28 -10.06 18.95 -5.46
C ALA A 28 -11.41 19.59 -5.80
N ALA A 29 -11.48 20.18 -6.99
CA ALA A 29 -12.68 20.85 -7.49
C ALA A 29 -13.79 19.86 -7.75
N LEU A 30 -13.45 18.76 -8.42
CA LEU A 30 -14.44 17.72 -8.71
C LEU A 30 -14.98 17.25 -7.37
N ARG A 31 -14.07 17.00 -6.43
CA ARG A 31 -14.44 16.55 -5.11
C ARG A 31 -15.33 17.57 -4.40
N LYS A 32 -14.79 18.76 -4.16
CA LYS A 32 -15.53 19.83 -3.50
C LYS A 32 -16.91 20.12 -4.11
N GLU A 33 -17.04 19.97 -5.42
CA GLU A 33 -18.31 20.21 -6.11
C GLU A 33 -19.28 19.02 -6.06
N THR A 34 -18.93 17.97 -5.32
CA THR A 34 -19.78 16.79 -5.19
C THR A 34 -19.79 16.27 -3.75
N SER A 35 -19.27 17.09 -2.83
CA SER A 35 -19.20 16.75 -1.42
C SER A 35 -20.59 16.46 -0.85
N THR A 36 -21.51 17.38 -1.11
CA THR A 36 -22.90 17.31 -0.67
C THR A 36 -23.61 16.08 -1.24
N MET A 37 -23.33 15.81 -2.52
CA MET A 37 -23.87 14.69 -3.28
C MET A 37 -23.73 13.41 -2.44
N GLU A 38 -24.75 12.56 -2.45
CA GLU A 38 -24.72 11.30 -1.69
C GLU A 38 -23.74 10.30 -2.28
N LEU A 39 -23.38 10.55 -3.54
CA LEU A 39 -22.44 9.73 -4.32
C LEU A 39 -21.02 9.83 -3.75
N ALA A 40 -20.69 10.98 -3.18
CA ALA A 40 -19.36 11.23 -2.59
C ALA A 40 -18.88 10.14 -1.62
N ASN A 41 -19.83 9.43 -1.01
CA ASN A 41 -19.54 8.36 -0.07
C ASN A 41 -18.95 7.12 -0.73
N MET A 42 -19.48 6.73 -1.89
CA MET A 42 -18.97 5.55 -2.60
C MET A 42 -17.63 5.91 -3.25
N GLN A 43 -17.26 7.17 -3.13
CA GLN A 43 -16.03 7.68 -3.72
C GLN A 43 -14.77 7.39 -2.91
N VAL A 44 -13.73 6.95 -3.62
CA VAL A 44 -12.47 6.62 -3.01
C VAL A 44 -12.00 7.88 -2.25
N ALA A 45 -11.24 7.69 -1.17
CA ALA A 45 -10.78 8.83 -0.39
C ALA A 45 -9.57 9.45 -1.05
N PRO A 46 -9.37 10.76 -0.85
CA PRO A 46 -8.24 11.52 -1.42
C PRO A 46 -6.90 10.80 -1.41
N GLU A 47 -6.52 10.22 -0.27
CA GLU A 47 -5.24 9.53 -0.14
C GLU A 47 -5.30 8.10 -0.66
N GLN A 48 -6.53 7.59 -0.76
CA GLN A 48 -6.73 6.24 -1.26
C GLN A 48 -6.38 6.30 -2.72
N ALA A 49 -6.79 7.40 -3.34
CA ALA A 49 -6.56 7.62 -4.76
C ALA A 49 -5.09 7.94 -4.99
N GLN A 50 -4.49 8.70 -4.09
CA GLN A 50 -3.10 9.06 -4.24
C GLN A 50 -2.24 7.80 -4.06
N PHE A 51 -2.73 6.86 -3.27
CA PHE A 51 -2.02 5.61 -3.05
C PHE A 51 -2.10 4.80 -4.34
N MET A 52 -3.27 4.83 -4.98
CA MET A 52 -3.49 4.10 -6.23
C MET A 52 -2.71 4.72 -7.39
N GLN A 53 -2.26 5.96 -7.19
CA GLN A 53 -1.47 6.67 -8.20
C GLN A 53 -0.05 6.13 -8.06
N MET A 54 0.37 5.94 -6.81
CA MET A 54 1.68 5.40 -6.50
C MET A 54 1.71 4.02 -7.18
N LEU A 55 0.65 3.25 -6.97
CA LEU A 55 0.54 1.90 -7.52
C LEU A 55 0.69 1.87 -9.04
N ILE A 56 0.10 2.86 -9.71
CA ILE A 56 0.16 2.96 -11.15
C ILE A 56 1.60 3.22 -11.62
N ARG A 57 2.32 4.03 -10.87
CA ARG A 57 3.71 4.35 -11.22
C ARG A 57 4.54 3.08 -11.01
N LEU A 58 4.34 2.41 -9.87
CA LEU A 58 5.05 1.18 -9.54
C LEU A 58 4.70 0.04 -10.50
N THR A 59 3.51 0.10 -11.07
CA THR A 59 3.07 -0.89 -12.03
C THR A 59 3.66 -0.55 -13.40
N ARG A 60 3.91 0.74 -13.61
CA ARG A 60 4.43 1.25 -14.87
C ARG A 60 3.33 0.93 -15.88
N ALA A 61 2.11 1.13 -15.39
CA ALA A 61 0.90 0.86 -16.14
C ALA A 61 0.69 1.80 -17.31
N LYS A 62 0.15 1.22 -18.38
CA LYS A 62 -0.18 1.93 -19.60
C LYS A 62 -1.70 1.91 -19.75
N LYS A 63 -2.32 0.86 -19.24
CA LYS A 63 -3.76 0.69 -19.34
C LYS A 63 -4.35 0.31 -17.97
N VAL A 64 -5.35 1.07 -17.54
CA VAL A 64 -6.00 0.86 -16.25
C VAL A 64 -7.50 0.68 -16.40
N LEU A 65 -8.09 -0.11 -15.50
CA LEU A 65 -9.53 -0.36 -15.53
C LEU A 65 -10.11 -0.21 -14.12
N GLU A 66 -11.29 0.39 -14.03
CA GLU A 66 -11.94 0.53 -12.74
C GLU A 66 -13.44 0.32 -12.93
N LEU A 67 -14.13 -0.08 -11.87
CA LEU A 67 -15.56 -0.34 -11.90
C LEU A 67 -16.18 0.23 -10.65
N GLY A 68 -17.43 0.68 -10.74
CA GLY A 68 -18.06 1.24 -9.56
C GLY A 68 -19.10 2.27 -9.90
N THR A 69 -19.55 2.98 -8.87
CA THR A 69 -20.55 4.03 -9.04
C THR A 69 -19.70 5.27 -8.72
N PHE A 70 -19.30 5.94 -9.80
CA PHE A 70 -18.40 7.09 -9.73
C PHE A 70 -18.88 8.50 -9.99
N THR A 71 -18.07 9.43 -9.49
CA THR A 71 -18.26 10.86 -9.69
C THR A 71 -17.26 11.20 -10.81
N GLY A 72 -16.25 10.34 -10.96
CA GLY A 72 -15.24 10.54 -11.99
C GLY A 72 -13.93 11.03 -11.40
N TYR A 73 -13.87 11.03 -10.06
CA TYR A 73 -12.70 11.46 -9.30
C TYR A 73 -11.54 10.46 -9.36
N SER A 74 -11.83 9.18 -9.10
CA SER A 74 -10.78 8.17 -9.14
C SER A 74 -10.26 7.94 -10.56
N ALA A 75 -11.12 8.19 -11.55
CA ALA A 75 -10.74 8.02 -12.95
C ALA A 75 -9.75 9.12 -13.36
N LEU A 76 -9.95 10.32 -12.81
CA LEU A 76 -9.11 11.45 -13.09
C LEU A 76 -7.75 11.25 -12.46
N ALA A 77 -7.76 10.99 -11.16
CA ALA A 77 -6.53 10.75 -10.39
C ALA A 77 -5.69 9.69 -11.07
N MET A 78 -6.34 8.62 -11.52
CA MET A 78 -5.65 7.52 -12.20
C MET A 78 -4.93 7.97 -13.48
N SER A 79 -5.60 8.75 -14.33
CA SER A 79 -4.94 9.18 -15.58
C SER A 79 -3.87 10.23 -15.32
N LEU A 80 -4.01 10.96 -14.22
CA LEU A 80 -3.02 11.98 -13.86
C LEU A 80 -1.68 11.32 -13.54
N ALA A 81 -1.74 10.08 -13.08
CA ALA A 81 -0.54 9.34 -12.72
C ALA A 81 -0.12 8.46 -13.89
N LEU A 82 -0.82 8.61 -15.00
CA LEU A 82 -0.53 7.83 -16.20
C LEU A 82 0.25 8.65 -17.23
N PRO A 83 1.06 7.98 -18.06
CA PRO A 83 1.84 8.69 -19.08
C PRO A 83 0.94 9.07 -20.27
N ASP A 84 1.35 10.09 -21.03
CA ASP A 84 0.62 10.59 -22.19
C ASP A 84 -0.04 9.51 -23.07
N ASP A 85 0.68 8.42 -23.34
CA ASP A 85 0.20 7.30 -24.17
C ASP A 85 -0.70 6.31 -23.42
N GLY A 86 -0.80 6.50 -22.10
CA GLY A 86 -1.62 5.64 -21.26
C GLY A 86 -3.11 5.86 -21.41
N GLN A 87 -3.89 5.01 -20.76
CA GLN A 87 -5.35 5.08 -20.87
C GLN A 87 -6.05 4.47 -19.66
N VAL A 88 -7.18 5.06 -19.27
CA VAL A 88 -7.98 4.56 -18.16
C VAL A 88 -9.42 4.35 -18.61
N ILE A 89 -9.94 3.15 -18.38
CA ILE A 89 -11.31 2.82 -18.74
C ILE A 89 -12.13 2.77 -17.45
N THR A 90 -12.95 3.79 -17.24
CA THR A 90 -13.79 3.89 -16.05
C THR A 90 -15.17 3.32 -16.43
N CYS A 91 -15.68 2.40 -15.61
CA CYS A 91 -16.97 1.79 -15.90
C CYS A 91 -17.96 2.27 -14.86
N ASP A 92 -18.91 3.13 -15.26
CA ASP A 92 -19.89 3.64 -14.31
C ASP A 92 -21.24 2.93 -14.42
N ILE A 93 -21.51 2.09 -13.42
CA ILE A 93 -22.73 1.28 -13.35
C ILE A 93 -23.89 2.09 -12.81
N ASN A 94 -23.56 3.22 -12.17
CA ASN A 94 -24.57 4.10 -11.60
C ASN A 94 -25.68 4.45 -12.59
N GLU A 95 -26.93 4.24 -12.17
CA GLU A 95 -28.04 4.59 -13.04
C GLU A 95 -29.00 5.51 -12.30
N GLY A 96 -28.48 6.07 -11.20
CA GLY A 96 -29.22 7.03 -10.41
C GLY A 96 -28.68 8.38 -10.83
N TRP A 97 -28.70 9.35 -9.93
CA TRP A 97 -28.20 10.69 -10.25
C TRP A 97 -26.71 10.86 -10.36
N THR A 98 -26.29 11.60 -11.39
CA THR A 98 -24.88 11.91 -11.62
C THR A 98 -24.77 13.29 -12.26
N LYS A 99 -23.54 13.65 -12.54
CA LYS A 99 -23.15 14.87 -13.21
C LYS A 99 -21.94 14.35 -13.92
N HIS A 100 -21.69 14.82 -15.12
CA HIS A 100 -20.53 14.33 -15.82
C HIS A 100 -19.26 14.95 -15.33
N ALA A 101 -18.18 14.18 -15.43
CA ALA A 101 -16.90 14.64 -14.96
C ALA A 101 -16.03 15.26 -16.03
N HIS A 102 -16.44 15.11 -17.29
CA HIS A 102 -15.65 15.62 -18.40
C HIS A 102 -15.21 17.07 -18.29
N PRO A 103 -16.02 17.95 -17.67
CA PRO A 103 -15.53 19.33 -17.58
C PRO A 103 -14.18 19.38 -16.85
N TYR A 104 -14.13 18.72 -15.70
CA TYR A 104 -12.91 18.66 -14.90
C TYR A 104 -11.82 17.89 -15.63
N TRP A 105 -12.19 16.80 -16.29
CA TRP A 105 -11.22 16.03 -17.03
C TRP A 105 -10.50 16.91 -18.08
N ARG A 106 -11.26 17.77 -18.77
CA ARG A 106 -10.71 18.69 -19.78
C ARG A 106 -9.77 19.67 -19.13
N GLU A 107 -10.30 20.32 -18.10
CA GLU A 107 -9.56 21.30 -17.33
C GLU A 107 -8.20 20.76 -16.94
N ALA A 108 -8.16 19.45 -16.64
CA ALA A 108 -6.91 18.80 -16.24
C ALA A 108 -6.21 18.09 -17.39
N LYS A 109 -6.73 18.23 -18.61
CA LYS A 109 -6.12 17.61 -19.78
C LYS A 109 -6.07 16.09 -19.76
N GLN A 110 -7.19 15.45 -19.39
CA GLN A 110 -7.24 14.00 -19.32
C GLN A 110 -8.38 13.36 -20.10
N GLU A 111 -9.38 14.13 -20.49
CA GLU A 111 -10.52 13.57 -21.21
C GLU A 111 -10.13 12.72 -22.40
N HIS A 112 -8.91 12.87 -22.89
CA HIS A 112 -8.49 12.10 -24.05
C HIS A 112 -7.92 10.76 -23.61
N LYS A 113 -7.55 10.67 -22.33
CA LYS A 113 -6.99 9.44 -21.77
C LYS A 113 -8.09 8.63 -21.06
N ILE A 114 -9.16 9.30 -20.66
CA ILE A 114 -10.26 8.65 -19.95
C ILE A 114 -11.39 8.18 -20.88
N LYS A 115 -11.66 6.88 -20.84
CA LYS A 115 -12.68 6.26 -21.67
C LYS A 115 -13.84 5.76 -20.79
N LEU A 116 -14.92 6.54 -20.73
CA LEU A 116 -16.09 6.18 -19.93
C LEU A 116 -16.97 5.12 -20.58
N ARG A 117 -17.36 4.12 -19.78
CA ARG A 117 -18.23 3.04 -20.27
C ARG A 117 -19.40 2.94 -19.31
N LEU A 118 -20.56 3.38 -19.75
CA LEU A 118 -21.76 3.35 -18.91
C LEU A 118 -22.50 2.00 -18.96
N GLY A 119 -23.18 1.66 -17.88
CA GLY A 119 -23.94 0.42 -17.86
C GLY A 119 -23.39 -0.65 -16.93
N PRO A 120 -24.17 -1.73 -16.69
CA PRO A 120 -23.79 -2.85 -15.83
C PRO A 120 -22.35 -3.33 -16.08
N ALA A 121 -21.54 -3.27 -15.03
CA ALA A 121 -20.13 -3.66 -15.09
C ALA A 121 -19.85 -5.03 -15.69
N LEU A 122 -20.71 -6.00 -15.41
CA LEU A 122 -20.52 -7.34 -15.94
C LEU A 122 -20.43 -7.33 -17.47
N ASP A 123 -21.42 -6.71 -18.13
CA ASP A 123 -21.45 -6.62 -19.59
C ASP A 123 -20.25 -5.90 -20.15
N THR A 124 -19.92 -4.78 -19.53
CA THR A 124 -18.78 -3.99 -19.98
C THR A 124 -17.49 -4.79 -19.93
N LEU A 125 -17.35 -5.66 -18.93
CA LEU A 125 -16.15 -6.47 -18.78
C LEU A 125 -16.07 -7.63 -19.78
N HIS A 126 -17.20 -8.26 -20.10
CA HIS A 126 -17.15 -9.33 -21.08
C HIS A 126 -16.85 -8.71 -22.43
N SER A 127 -17.45 -7.55 -22.66
CA SER A 127 -17.23 -6.83 -23.90
C SER A 127 -15.75 -6.50 -24.07
N LEU A 128 -15.13 -6.08 -22.96
CA LEU A 128 -13.71 -5.75 -22.96
C LEU A 128 -12.86 -6.98 -23.24
N LEU A 129 -13.33 -8.14 -22.76
CA LEU A 129 -12.62 -9.39 -22.99
C LEU A 129 -12.73 -9.76 -24.45
N ASN A 130 -13.96 -9.83 -24.95
CA ASN A 130 -14.23 -10.15 -26.36
C ASN A 130 -13.32 -9.29 -27.21
N GLU A 131 -13.60 -8.00 -27.17
CA GLU A 131 -12.86 -7.00 -27.95
C GLU A 131 -11.34 -6.96 -27.80
N GLY A 132 -10.85 -6.70 -26.59
CA GLY A 132 -9.41 -6.57 -26.41
C GLY A 132 -8.57 -7.73 -25.90
N GLY A 133 -9.17 -8.89 -25.69
CA GLY A 133 -8.39 -10.02 -25.22
C GLY A 133 -8.21 -10.06 -23.71
N GLU A 134 -7.52 -11.08 -23.21
CA GLU A 134 -7.34 -11.22 -21.77
C GLU A 134 -6.33 -10.37 -21.00
N HIS A 135 -5.05 -10.39 -21.34
CA HIS A 135 -4.12 -9.60 -20.53
C HIS A 135 -3.91 -8.19 -21.05
N GLN A 136 -4.86 -7.34 -20.69
CA GLN A 136 -4.93 -5.92 -21.09
C GLN A 136 -4.57 -4.87 -20.06
N PHE A 137 -5.02 -5.08 -18.83
CA PHE A 137 -4.80 -4.10 -17.79
C PHE A 137 -3.68 -4.39 -16.82
N ASP A 138 -2.86 -3.37 -16.60
CA ASP A 138 -1.73 -3.44 -15.69
C ASP A 138 -2.23 -3.18 -14.28
N PHE A 139 -3.36 -2.48 -14.19
CA PHE A 139 -3.95 -2.18 -12.89
C PHE A 139 -5.47 -2.17 -13.01
N ILE A 140 -6.13 -2.95 -12.16
CA ILE A 140 -7.58 -3.04 -12.14
C ILE A 140 -8.05 -2.70 -10.73
N PHE A 141 -9.07 -1.85 -10.63
CA PHE A 141 -9.62 -1.45 -9.35
C PHE A 141 -11.10 -1.83 -9.34
N ILE A 142 -11.56 -2.49 -8.26
CA ILE A 142 -12.95 -2.94 -8.17
C ILE A 142 -13.74 -2.35 -7.01
N ASP A 143 -14.80 -1.61 -7.34
CA ASP A 143 -15.65 -0.97 -6.33
C ASP A 143 -17.09 -0.99 -6.85
N ALA A 144 -17.41 -1.99 -7.66
CA ALA A 144 -18.75 -2.12 -8.24
C ALA A 144 -19.71 -2.79 -7.26
N ASP A 145 -20.89 -3.16 -7.74
CA ASP A 145 -21.89 -3.79 -6.86
C ASP A 145 -21.36 -5.10 -6.26
N LYS A 146 -21.44 -5.15 -4.93
CA LYS A 146 -20.95 -6.27 -4.12
C LYS A 146 -21.45 -7.67 -4.45
N THR A 147 -22.67 -7.77 -4.95
CA THR A 147 -23.24 -9.08 -5.26
C THR A 147 -22.75 -9.72 -6.55
N ASN A 148 -21.68 -9.19 -7.12
CA ASN A 148 -21.12 -9.78 -8.34
C ASN A 148 -19.62 -9.80 -8.17
N TYR A 149 -19.21 -9.46 -6.96
CA TYR A 149 -17.81 -9.42 -6.58
C TYR A 149 -17.04 -10.70 -6.91
N LEU A 150 -17.74 -11.84 -6.95
CA LEU A 150 -17.08 -13.10 -7.28
C LEU A 150 -16.82 -13.16 -8.79
N ASN A 151 -17.79 -12.67 -9.54
CA ASN A 151 -17.68 -12.64 -10.98
C ASN A 151 -16.61 -11.66 -11.39
N TYR A 152 -16.60 -10.51 -10.70
CA TYR A 152 -15.63 -9.45 -10.99
C TYR A 152 -14.20 -9.93 -10.72
N TYR A 153 -14.00 -10.63 -9.61
CA TYR A 153 -12.69 -11.14 -9.24
C TYR A 153 -12.14 -12.06 -10.31
N GLU A 154 -12.97 -13.02 -10.71
CA GLU A 154 -12.60 -13.98 -11.73
C GLU A 154 -12.26 -13.32 -13.06
N LEU A 155 -13.14 -12.42 -13.48
CA LEU A 155 -12.99 -11.67 -14.72
C LEU A 155 -11.68 -10.86 -14.67
N ALA A 156 -11.48 -10.13 -13.58
CA ALA A 156 -10.29 -9.32 -13.38
C ALA A 156 -9.03 -10.16 -13.50
N LEU A 157 -9.11 -11.41 -13.07
CA LEU A 157 -7.97 -12.32 -13.14
C LEU A 157 -7.63 -12.64 -14.60
N LYS A 158 -8.63 -12.57 -15.47
CA LYS A 158 -8.40 -12.84 -16.88
C LYS A 158 -7.94 -11.56 -17.57
N LEU A 159 -8.47 -10.43 -17.11
CA LEU A 159 -8.16 -9.12 -17.67
C LEU A 159 -6.84 -8.48 -17.26
N VAL A 160 -6.24 -9.00 -16.19
CA VAL A 160 -4.99 -8.41 -15.72
C VAL A 160 -3.70 -8.93 -16.36
N THR A 161 -2.70 -8.06 -16.33
CA THR A 161 -1.36 -8.32 -16.85
C THR A 161 -0.64 -9.20 -15.82
N PRO A 162 0.29 -10.06 -16.28
CA PRO A 162 1.04 -10.95 -15.37
C PRO A 162 1.70 -10.18 -14.24
N LYS A 163 2.30 -9.05 -14.60
CA LYS A 163 2.95 -8.21 -13.62
C LYS A 163 1.94 -7.19 -13.08
N GLY A 164 0.74 -7.16 -13.68
CA GLY A 164 -0.30 -6.23 -13.25
C GLY A 164 -0.82 -6.49 -11.86
N LEU A 165 -1.62 -5.55 -11.34
CA LEU A 165 -2.17 -5.67 -9.99
C LEU A 165 -3.66 -5.40 -9.96
N ILE A 166 -4.35 -5.98 -8.98
CA ILE A 166 -5.79 -5.80 -8.79
C ILE A 166 -6.07 -5.35 -7.36
N ALA A 167 -6.91 -4.32 -7.22
CA ALA A 167 -7.28 -3.77 -5.92
C ALA A 167 -8.79 -3.93 -5.80
N ILE A 168 -9.25 -4.39 -4.65
CA ILE A 168 -10.67 -4.58 -4.40
C ILE A 168 -11.05 -3.86 -3.13
N ASP A 169 -12.07 -3.01 -3.20
CA ASP A 169 -12.48 -2.22 -2.04
C ASP A 169 -13.58 -2.86 -1.19
N ASN A 170 -13.76 -2.31 0.02
CA ASN A 170 -14.76 -2.75 0.99
C ASN A 170 -14.61 -4.23 1.40
N ILE A 171 -13.40 -4.64 1.74
CA ILE A 171 -13.15 -6.03 2.14
C ILE A 171 -13.88 -6.29 3.47
N PHE A 172 -13.84 -5.30 4.35
CA PHE A 172 -14.55 -5.39 5.62
C PHE A 172 -15.74 -4.49 5.28
N TRP A 173 -16.90 -5.08 5.00
CA TRP A 173 -18.07 -4.28 4.66
C TRP A 173 -18.56 -3.46 5.86
N ASP A 174 -17.69 -2.62 6.40
CA ASP A 174 -17.99 -1.78 7.55
C ASP A 174 -17.98 -2.59 8.83
N GLY A 175 -17.47 -3.81 8.74
CA GLY A 175 -17.42 -4.67 9.90
C GLY A 175 -18.60 -5.62 9.94
N LYS A 176 -19.29 -5.73 8.82
CA LYS A 176 -20.44 -6.60 8.70
C LYS A 176 -20.02 -7.97 8.17
N VAL A 177 -18.72 -8.15 7.93
CA VAL A 177 -18.18 -9.44 7.48
C VAL A 177 -17.80 -10.25 8.71
N ILE A 178 -17.89 -9.59 9.86
CA ILE A 178 -17.57 -10.17 11.15
C ILE A 178 -18.84 -10.15 12.02
N ASP A 179 -19.96 -9.74 11.41
CA ASP A 179 -21.27 -9.67 12.08
C ASP A 179 -22.20 -10.78 11.54
N PRO A 180 -22.49 -11.81 12.37
CA PRO A 180 -23.34 -12.95 12.03
C PRO A 180 -24.83 -12.66 11.83
N ASN A 181 -25.32 -11.57 12.41
CA ASN A 181 -26.72 -11.21 12.30
C ASN A 181 -27.09 -10.47 11.01
N ASP A 182 -26.10 -10.17 10.17
CA ASP A 182 -26.34 -9.48 8.90
C ASP A 182 -26.76 -10.48 7.82
N THR A 183 -27.97 -10.31 7.28
CA THR A 183 -28.52 -11.22 6.27
C THR A 183 -28.56 -10.73 4.80
N SER A 184 -28.12 -9.51 4.56
CA SER A 184 -28.11 -8.94 3.20
C SER A 184 -27.10 -9.66 2.30
N GLY A 185 -27.48 -9.83 1.04
CA GLY A 185 -26.63 -10.52 0.10
C GLY A 185 -25.34 -9.82 -0.27
N GLN A 186 -25.18 -8.57 0.16
CA GLN A 186 -23.97 -7.80 -0.14
C GLN A 186 -22.83 -8.20 0.78
N THR A 187 -23.14 -8.30 2.07
CA THR A 187 -22.14 -8.70 3.04
C THR A 187 -21.96 -10.22 2.95
N ARG A 188 -22.89 -10.85 2.25
CA ARG A 188 -22.86 -12.30 2.05
C ARG A 188 -21.86 -12.62 0.95
N GLU A 189 -21.78 -11.72 -0.03
CA GLU A 189 -20.87 -11.88 -1.16
C GLU A 189 -19.44 -11.49 -0.82
N ILE A 190 -19.31 -10.47 0.02
CA ILE A 190 -17.98 -10.03 0.43
C ILE A 190 -17.37 -11.22 1.18
N LYS A 191 -18.06 -11.69 2.22
CA LYS A 191 -17.61 -12.81 3.04
C LYS A 191 -17.24 -14.00 2.18
N LYS A 192 -18.01 -14.24 1.12
CA LYS A 192 -17.74 -15.35 0.22
C LYS A 192 -16.45 -15.11 -0.54
N LEU A 193 -16.28 -13.90 -1.07
CA LEU A 193 -15.08 -13.57 -1.85
C LEU A 193 -13.81 -13.60 -1.02
N ASN A 194 -13.91 -13.13 0.24
CA ASN A 194 -12.77 -13.14 1.14
C ASN A 194 -12.29 -14.58 1.37
N GLN A 195 -13.23 -15.52 1.31
CA GLN A 195 -12.91 -16.93 1.49
C GLN A 195 -12.25 -17.48 0.21
N VAL A 196 -12.78 -17.11 -0.95
CA VAL A 196 -12.21 -17.58 -2.21
C VAL A 196 -10.76 -17.17 -2.33
N ILE A 197 -10.47 -15.93 -1.93
CA ILE A 197 -9.13 -15.39 -2.02
C ILE A 197 -8.20 -16.05 -1.02
N LYS A 198 -8.70 -16.21 0.21
CA LYS A 198 -7.92 -16.86 1.27
C LYS A 198 -7.31 -18.15 0.77
N ASN A 199 -8.17 -19.00 0.19
CA ASN A 199 -7.82 -20.32 -0.33
C ASN A 199 -7.34 -20.33 -1.77
N ASP A 200 -7.13 -19.14 -2.34
CA ASP A 200 -6.68 -19.05 -3.72
C ASP A 200 -5.16 -19.22 -3.80
N SER A 201 -4.72 -20.19 -4.59
CA SER A 201 -3.29 -20.45 -4.73
C SER A 201 -2.67 -19.72 -5.92
N ARG A 202 -3.52 -19.14 -6.77
CA ARG A 202 -3.14 -18.43 -8.00
C ARG A 202 -2.49 -17.04 -7.90
N VAL A 203 -2.52 -16.41 -6.74
CA VAL A 203 -2.00 -15.06 -6.64
C VAL A 203 -1.30 -14.70 -5.35
N PHE A 204 -0.50 -13.62 -5.41
CA PHE A 204 0.19 -13.09 -4.22
C PHE A 204 -0.92 -12.22 -3.64
N VAL A 205 -0.87 -11.97 -2.34
CA VAL A 205 -1.94 -11.22 -1.70
C VAL A 205 -1.52 -10.41 -0.47
N SER A 206 -2.16 -9.27 -0.26
CA SER A 206 -1.91 -8.44 0.92
C SER A 206 -3.13 -7.56 1.11
N LEU A 207 -3.63 -7.50 2.33
CA LEU A 207 -4.81 -6.71 2.64
C LEU A 207 -4.46 -5.54 3.55
N LEU A 208 -4.81 -4.33 3.12
CA LEU A 208 -4.54 -3.12 3.90
C LEU A 208 -5.78 -2.65 4.65
N ALA A 209 -5.59 -2.33 5.93
CA ALA A 209 -6.69 -1.84 6.75
C ALA A 209 -6.69 -0.32 6.65
N ILE A 210 -6.88 0.18 5.43
CA ILE A 210 -6.87 1.63 5.19
C ILE A 210 -8.22 2.21 4.84
N ALA A 211 -8.92 1.56 3.92
CA ALA A 211 -10.22 2.07 3.49
C ALA A 211 -11.28 1.33 4.28
N ASP A 212 -12.10 0.54 3.58
CA ASP A 212 -13.10 -0.29 4.20
C ASP A 212 -12.40 -1.62 4.02
N GLY A 213 -11.07 -1.55 3.97
CA GLY A 213 -10.26 -2.72 3.76
C GLY A 213 -9.98 -2.78 2.27
N MET A 214 -8.72 -2.88 1.88
CA MET A 214 -8.36 -2.94 0.47
C MET A 214 -7.42 -4.14 0.22
N PHE A 215 -7.86 -5.01 -0.68
CA PHE A 215 -7.11 -6.21 -1.01
C PHE A 215 -6.26 -5.97 -2.24
N LEU A 216 -4.99 -6.34 -2.16
CA LEU A 216 -4.10 -6.20 -3.32
C LEU A 216 -3.68 -7.61 -3.74
N VAL A 217 -4.12 -8.04 -4.92
CA VAL A 217 -3.77 -9.38 -5.37
C VAL A 217 -2.99 -9.30 -6.67
N GLN A 218 -2.01 -10.18 -6.83
CA GLN A 218 -1.21 -10.20 -8.04
C GLN A 218 -0.98 -11.63 -8.51
N PRO A 219 -1.24 -11.92 -9.79
CA PRO A 219 -1.00 -13.29 -10.24
C PRO A 219 0.45 -13.74 -10.07
N ILE A 220 0.64 -15.04 -9.81
CA ILE A 220 1.96 -15.64 -9.61
C ILE A 220 2.45 -16.24 -10.92
N LYS B 4 -16.22 8.98 9.09
CA LYS B 4 -16.40 7.52 8.85
C LYS B 4 -15.03 6.85 8.66
N HIS B 5 -14.40 6.46 9.78
CA HIS B 5 -13.07 5.84 9.76
C HIS B 5 -12.99 4.45 10.35
N LEU B 6 -12.24 3.57 9.69
CA LEU B 6 -12.04 2.20 10.11
C LEU B 6 -11.20 2.08 11.39
N SER B 7 -11.83 1.57 12.43
CA SER B 7 -11.18 1.32 13.71
C SER B 7 -10.89 -0.18 13.69
N LEU B 8 -9.60 -0.55 13.66
CA LEU B 8 -9.26 -1.96 13.61
C LEU B 8 -9.48 -2.59 14.98
N THR B 9 -10.57 -3.35 15.02
CA THR B 9 -11.04 -4.08 16.17
C THR B 9 -10.22 -5.39 16.24
N PRO B 10 -9.90 -5.87 17.47
CA PRO B 10 -9.12 -7.11 17.56
C PRO B 10 -9.78 -8.25 16.77
N GLU B 11 -11.08 -8.43 17.00
CA GLU B 11 -11.87 -9.44 16.31
C GLU B 11 -11.71 -9.29 14.79
N LEU B 12 -11.64 -8.04 14.33
CA LEU B 12 -11.48 -7.73 12.92
C LEU B 12 -10.05 -7.98 12.45
N TYR B 13 -9.07 -7.70 13.30
CA TYR B 13 -7.67 -7.92 12.96
C TYR B 13 -7.44 -9.42 12.77
N LYS B 14 -8.20 -10.24 13.49
CA LYS B 14 -8.10 -11.69 13.39
C LYS B 14 -8.63 -12.10 12.02
N TYR B 15 -9.81 -11.59 11.66
CA TYR B 15 -10.43 -11.88 10.37
C TYR B 15 -9.44 -11.46 9.29
N LEU B 16 -8.92 -10.25 9.44
CA LEU B 16 -7.95 -9.70 8.50
C LEU B 16 -6.82 -10.71 8.25
N LEU B 17 -6.11 -11.05 9.32
CA LEU B 17 -5.01 -11.99 9.26
C LEU B 17 -5.47 -13.35 8.74
N ASP B 18 -6.60 -13.81 9.25
CA ASP B 18 -7.16 -15.10 8.86
C ASP B 18 -7.32 -15.26 7.36
N ILE B 19 -7.85 -14.23 6.69
CA ILE B 19 -8.08 -14.32 5.25
C ILE B 19 -6.89 -13.92 4.37
N SER B 20 -6.00 -13.09 4.90
CA SER B 20 -4.87 -12.62 4.10
C SER B 20 -3.51 -13.24 4.37
N LEU B 21 -3.22 -13.51 5.64
CA LEU B 21 -1.92 -14.07 6.03
C LEU B 21 -1.46 -15.33 5.32
N ARG B 22 -0.25 -15.26 4.78
CA ARG B 22 0.40 -16.37 4.08
C ARG B 22 1.87 -16.35 4.49
N GLU B 23 2.06 -16.47 5.79
CA GLU B 23 3.37 -16.43 6.43
C GLU B 23 4.11 -17.77 6.34
N HIS B 24 5.31 -17.72 5.77
CA HIS B 24 6.16 -18.89 5.60
C HIS B 24 6.39 -19.64 6.93
N PRO B 25 6.56 -20.98 6.87
CA PRO B 25 6.78 -21.75 8.09
C PRO B 25 7.87 -21.21 9.05
N ALA B 26 9.01 -20.82 8.48
CA ALA B 26 10.14 -20.30 9.26
C ALA B 26 9.84 -18.96 9.93
N LEU B 27 9.10 -18.08 9.24
CA LEU B 27 8.74 -16.76 9.76
C LEU B 27 7.83 -16.89 10.95
N ALA B 28 6.87 -17.79 10.83
CA ALA B 28 5.92 -18.06 11.90
C ALA B 28 6.69 -18.45 13.15
N ALA B 29 7.63 -19.39 12.97
CA ALA B 29 8.49 -19.88 14.06
C ALA B 29 9.26 -18.76 14.74
N LEU B 30 9.92 -17.96 13.91
CA LEU B 30 10.73 -16.83 14.36
C LEU B 30 9.92 -15.87 15.24
N ARG B 31 8.69 -15.60 14.82
CA ARG B 31 7.80 -14.69 15.53
C ARG B 31 7.30 -15.27 16.85
N LYS B 32 7.26 -16.60 16.94
CA LYS B 32 6.79 -17.26 18.16
C LYS B 32 7.80 -17.19 19.31
N GLU B 33 9.07 -17.35 19.00
CA GLU B 33 10.10 -17.27 20.04
C GLU B 33 10.41 -15.81 20.37
N THR B 34 10.59 -14.99 19.34
CA THR B 34 10.90 -13.57 19.54
C THR B 34 9.68 -12.85 20.11
N SER B 35 8.55 -13.57 20.12
CA SER B 35 7.29 -13.05 20.62
C SER B 35 7.37 -12.51 22.03
N THR B 36 7.89 -13.35 22.91
CA THR B 36 8.05 -13.00 24.31
C THR B 36 8.99 -11.80 24.54
N MET B 37 10.16 -11.83 23.91
CA MET B 37 11.22 -10.80 24.01
C MET B 37 10.89 -9.31 24.18
N GLU B 38 9.66 -8.89 23.86
CA GLU B 38 9.22 -7.49 23.94
C GLU B 38 10.05 -6.51 23.08
N LEU B 39 10.71 -7.11 22.09
CA LEU B 39 11.53 -6.42 21.07
C LEU B 39 10.60 -6.71 19.89
N ALA B 40 9.53 -7.40 20.20
CA ALA B 40 8.49 -7.80 19.27
C ALA B 40 7.59 -6.59 18.95
N ASN B 41 7.72 -5.55 19.76
CA ASN B 41 6.92 -4.34 19.59
C ASN B 41 7.54 -3.43 18.53
N MET B 42 8.77 -3.73 18.18
CA MET B 42 9.47 -2.93 17.18
C MET B 42 9.52 -3.73 15.88
N GLN B 43 9.17 -5.01 15.99
CA GLN B 43 9.15 -5.92 14.86
C GLN B 43 7.86 -5.61 14.05
N VAL B 44 8.02 -5.38 12.75
CA VAL B 44 6.90 -5.07 11.88
C VAL B 44 5.89 -6.23 11.82
N ALA B 45 4.63 -5.92 12.12
CA ALA B 45 3.51 -6.88 12.13
C ALA B 45 3.39 -7.72 10.86
N PRO B 46 2.87 -8.95 11.00
CA PRO B 46 2.68 -9.93 9.92
C PRO B 46 2.11 -9.44 8.59
N GLU B 47 1.02 -8.67 8.66
CA GLU B 47 0.34 -8.15 7.47
C GLU B 47 1.14 -7.07 6.77
N GLN B 48 1.83 -6.27 7.57
CA GLN B 48 2.65 -5.16 7.11
C GLN B 48 3.87 -5.69 6.35
N ALA B 49 4.39 -6.83 6.77
CA ALA B 49 5.54 -7.44 6.12
C ALA B 49 5.14 -8.13 4.84
N GLN B 50 3.92 -8.65 4.81
CA GLN B 50 3.44 -9.32 3.60
C GLN B 50 3.17 -8.25 2.55
N PHE B 51 2.96 -7.02 3.03
CA PHE B 51 2.71 -5.88 2.17
C PHE B 51 4.04 -5.45 1.51
N MET B 52 5.07 -5.29 2.34
CA MET B 52 6.37 -4.89 1.84
C MET B 52 6.93 -5.94 0.87
N GLN B 53 6.43 -7.17 0.97
CA GLN B 53 6.85 -8.24 0.08
C GLN B 53 6.22 -7.95 -1.27
N MET B 54 4.96 -7.50 -1.21
CA MET B 54 4.17 -7.15 -2.39
C MET B 54 4.91 -5.98 -3.05
N LEU B 55 5.38 -5.05 -2.22
CA LEU B 55 6.14 -3.89 -2.69
C LEU B 55 7.44 -4.26 -3.40
N ILE B 56 8.14 -5.25 -2.86
CA ILE B 56 9.39 -5.70 -3.45
C ILE B 56 9.08 -6.34 -4.79
N ARG B 57 7.95 -7.04 -4.86
CA ARG B 57 7.57 -7.72 -6.10
C ARG B 57 7.13 -6.70 -7.15
N LEU B 58 6.35 -5.70 -6.73
CA LEU B 58 5.92 -4.65 -7.62
C LEU B 58 7.16 -3.93 -8.13
N THR B 59 7.97 -3.48 -7.19
CA THR B 59 9.22 -2.78 -7.46
C THR B 59 10.15 -3.54 -8.42
N ARG B 60 10.04 -4.87 -8.42
CA ARG B 60 10.92 -5.71 -9.25
C ARG B 60 12.32 -5.47 -8.68
N ALA B 61 12.43 -5.53 -7.36
CA ALA B 61 13.69 -5.29 -6.66
C ALA B 61 14.66 -6.48 -6.59
N LYS B 62 15.95 -6.16 -6.51
CA LYS B 62 17.00 -7.17 -6.39
C LYS B 62 17.91 -6.77 -5.22
N LYS B 63 17.75 -5.53 -4.77
CA LYS B 63 18.53 -4.98 -3.67
C LYS B 63 17.59 -4.34 -2.68
N VAL B 64 17.69 -4.76 -1.41
CA VAL B 64 16.82 -4.23 -0.39
C VAL B 64 17.59 -3.78 0.84
N LEU B 65 17.19 -2.66 1.43
CA LEU B 65 17.85 -2.16 2.63
C LEU B 65 16.88 -1.91 3.77
N GLU B 66 17.27 -2.31 4.98
CA GLU B 66 16.46 -2.16 6.20
C GLU B 66 17.23 -1.45 7.30
N LEU B 67 16.56 -0.64 8.10
CA LEU B 67 17.21 0.04 9.22
C LEU B 67 16.32 -0.12 10.41
N GLY B 68 16.88 -0.57 11.53
CA GLY B 68 16.04 -0.72 12.69
C GLY B 68 16.59 -1.67 13.73
N THR B 69 15.74 -1.93 14.73
CA THR B 69 16.03 -2.82 15.83
C THR B 69 15.21 -4.07 15.52
N PHE B 70 15.81 -4.93 14.69
CA PHE B 70 15.15 -6.15 14.23
C PHE B 70 15.35 -7.45 15.01
N THR B 71 14.47 -8.40 14.72
CA THR B 71 14.51 -9.73 15.29
C THR B 71 14.98 -10.64 14.15
N GLY B 72 15.03 -10.07 12.93
CA GLY B 72 15.44 -10.82 11.75
C GLY B 72 14.25 -11.30 10.93
N TYR B 73 13.05 -11.04 11.43
CA TYR B 73 11.79 -11.43 10.79
C TYR B 73 11.53 -10.70 9.47
N SER B 74 11.58 -9.37 9.50
CA SER B 74 11.35 -8.58 8.30
C SER B 74 12.45 -8.80 7.26
N ALA B 75 13.66 -9.12 7.73
CA ALA B 75 14.78 -9.39 6.82
C ALA B 75 14.46 -10.68 6.06
N LEU B 76 13.88 -11.64 6.76
CA LEU B 76 13.51 -12.93 6.17
C LEU B 76 12.37 -12.74 5.20
N ALA B 77 11.30 -12.08 5.66
CA ALA B 77 10.13 -11.82 4.82
C ALA B 77 10.55 -11.15 3.51
N MET B 78 11.40 -10.13 3.62
CA MET B 78 11.91 -9.43 2.45
C MET B 78 12.69 -10.40 1.54
N SER B 79 13.68 -11.08 2.11
CA SER B 79 14.50 -12.01 1.35
C SER B 79 13.63 -13.03 0.61
N LEU B 80 12.53 -13.43 1.23
CA LEU B 80 11.62 -14.39 0.63
C LEU B 80 11.00 -13.84 -0.65
N ALA B 81 10.58 -12.59 -0.60
CA ALA B 81 9.94 -11.93 -1.75
C ALA B 81 10.92 -11.64 -2.89
N LEU B 82 12.22 -11.71 -2.61
CA LEU B 82 13.26 -11.45 -3.61
C LEU B 82 13.58 -12.70 -4.42
N PRO B 83 14.12 -12.54 -5.64
CA PRO B 83 14.46 -13.72 -6.45
C PRO B 83 15.68 -14.38 -5.81
N ASP B 84 16.37 -15.27 -6.52
CA ASP B 84 17.52 -15.89 -5.88
C ASP B 84 18.86 -15.22 -6.17
N ASP B 85 18.88 -14.26 -7.09
CA ASP B 85 20.11 -13.53 -7.36
C ASP B 85 19.95 -12.24 -6.54
N GLY B 86 18.85 -12.20 -5.79
CA GLY B 86 18.53 -11.06 -4.96
C GLY B 86 19.29 -10.92 -3.66
N GLN B 87 19.50 -9.66 -3.25
CA GLN B 87 20.24 -9.35 -2.04
C GLN B 87 19.39 -8.50 -1.10
N VAL B 88 19.53 -8.75 0.19
CA VAL B 88 18.82 -7.96 1.20
C VAL B 88 19.83 -7.68 2.29
N ILE B 89 20.03 -6.39 2.54
CA ILE B 89 20.99 -5.93 3.56
C ILE B 89 20.24 -5.36 4.74
N THR B 90 20.27 -6.08 5.84
CA THR B 90 19.58 -5.66 7.05
C THR B 90 20.57 -5.06 8.05
N CYS B 91 20.20 -3.90 8.59
CA CYS B 91 21.01 -3.19 9.57
C CYS B 91 20.36 -3.22 10.94
N ASP B 92 20.95 -3.99 11.85
CA ASP B 92 20.45 -4.13 13.22
C ASP B 92 21.23 -3.23 14.18
N ILE B 93 20.57 -2.18 14.67
CA ILE B 93 21.19 -1.24 15.60
C ILE B 93 21.00 -1.70 17.06
N ASN B 94 20.25 -2.79 17.22
CA ASN B 94 19.98 -3.37 18.53
C ASN B 94 21.23 -3.41 19.43
N GLU B 95 21.06 -3.00 20.69
CA GLU B 95 22.10 -2.99 21.70
C GLU B 95 21.73 -4.08 22.71
N GLY B 96 20.49 -3.98 23.20
CA GLY B 96 19.94 -4.90 24.18
C GLY B 96 19.93 -6.37 23.78
N TRP B 97 19.26 -7.18 24.59
CA TRP B 97 19.18 -8.61 24.33
C TRP B 97 18.67 -8.91 22.95
N THR B 98 19.05 -10.07 22.45
CA THR B 98 18.66 -10.45 21.12
C THR B 98 19.01 -11.92 20.95
N LYS B 99 18.63 -12.48 19.81
CA LYS B 99 18.91 -13.86 19.45
C LYS B 99 19.08 -13.87 17.94
N HIS B 100 20.11 -14.55 17.46
CA HIS B 100 20.42 -14.61 16.05
C HIS B 100 19.35 -15.30 15.22
N ALA B 101 19.02 -14.68 14.09
CA ALA B 101 17.97 -15.18 13.23
C ALA B 101 18.40 -16.17 12.15
N HIS B 102 19.70 -16.40 12.03
CA HIS B 102 20.20 -17.31 11.00
C HIS B 102 19.69 -18.76 11.08
N PRO B 103 19.26 -19.21 12.28
CA PRO B 103 18.76 -20.59 12.34
C PRO B 103 17.52 -20.74 11.45
N TYR B 104 16.77 -19.64 11.36
CA TYR B 104 15.56 -19.59 10.55
C TYR B 104 15.85 -19.21 9.09
N TRP B 105 16.77 -18.28 8.86
CA TRP B 105 17.12 -17.90 7.49
C TRP B 105 17.73 -19.12 6.80
N ARG B 106 18.15 -20.10 7.59
CA ARG B 106 18.73 -21.32 7.04
C ARG B 106 17.64 -22.34 6.76
N GLU B 107 16.60 -22.37 7.60
CA GLU B 107 15.48 -23.29 7.42
C GLU B 107 14.95 -23.05 6.01
N ALA B 108 14.70 -21.79 5.69
CA ALA B 108 14.29 -21.40 4.35
C ALA B 108 15.68 -21.17 3.79
N LYS B 109 15.90 -21.38 2.51
CA LYS B 109 17.25 -21.16 2.01
C LYS B 109 17.43 -19.70 1.62
N GLN B 110 17.51 -18.85 2.65
CA GLN B 110 17.65 -17.41 2.48
C GLN B 110 18.98 -16.95 3.05
N GLU B 111 19.65 -17.87 3.76
CA GLU B 111 20.93 -17.60 4.39
C GLU B 111 21.91 -16.83 3.51
N HIS B 112 21.98 -17.24 2.24
CA HIS B 112 22.88 -16.63 1.27
C HIS B 112 22.45 -15.30 0.66
N LYS B 113 21.26 -14.82 1.04
CA LYS B 113 20.75 -13.57 0.51
C LYS B 113 20.74 -12.43 1.50
N ILE B 114 20.69 -12.75 2.79
CA ILE B 114 20.68 -11.73 3.83
C ILE B 114 22.09 -11.38 4.31
N LYS B 115 22.44 -10.11 4.23
CA LYS B 115 23.74 -9.64 4.68
C LYS B 115 23.48 -8.77 5.90
N LEU B 116 23.76 -9.31 7.08
CA LEU B 116 23.55 -8.61 8.33
C LEU B 116 24.65 -7.56 8.54
N ARG B 117 24.28 -6.44 9.14
CA ARG B 117 25.21 -5.35 9.41
C ARG B 117 24.82 -4.78 10.76
N LEU B 118 25.62 -5.08 11.78
CA LEU B 118 25.35 -4.61 13.13
C LEU B 118 26.03 -3.28 13.38
N GLY B 119 25.43 -2.44 14.21
CA GLY B 119 26.04 -1.15 14.51
C GLY B 119 25.17 0.03 14.18
N PRO B 120 25.57 1.26 14.57
CA PRO B 120 24.78 2.46 14.28
C PRO B 120 24.43 2.50 12.80
N ALA B 121 23.26 3.04 12.49
CA ALA B 121 22.79 3.10 11.11
C ALA B 121 23.45 4.19 10.27
N LEU B 122 23.72 5.35 10.86
CA LEU B 122 24.36 6.44 10.13
C LEU B 122 25.66 5.93 9.49
N ASP B 123 26.44 5.19 10.27
CA ASP B 123 27.72 4.68 9.80
C ASP B 123 27.59 3.61 8.72
N THR B 124 26.61 2.73 8.90
CA THR B 124 26.38 1.67 7.94
C THR B 124 25.88 2.28 6.62
N LEU B 125 25.02 3.29 6.71
CA LEU B 125 24.51 3.93 5.50
C LEU B 125 25.60 4.72 4.80
N HIS B 126 26.43 5.41 5.58
CA HIS B 126 27.52 6.17 4.98
C HIS B 126 28.51 5.18 4.38
N SER B 127 28.74 4.08 5.09
CA SER B 127 29.65 3.06 4.60
C SER B 127 29.25 2.55 3.21
N LEU B 128 27.99 2.15 3.05
CA LEU B 128 27.49 1.64 1.77
C LEU B 128 27.51 2.77 0.76
N LEU B 129 27.30 3.97 1.26
CA LEU B 129 27.29 5.16 0.43
C LEU B 129 28.72 5.47 0.02
N ASN B 130 29.55 5.74 1.03
CA ASN B 130 30.96 6.08 0.87
C ASN B 130 31.69 5.12 -0.05
N GLU B 131 30.97 4.06 -0.42
CA GLU B 131 31.40 3.12 -1.42
C GLU B 131 30.66 1.82 -1.54
N GLY B 132 29.82 1.88 -2.56
CA GLY B 132 28.91 0.86 -3.01
C GLY B 132 28.22 1.63 -4.12
N GLY B 133 28.41 2.94 -4.09
CA GLY B 133 27.83 3.84 -5.07
C GLY B 133 26.52 4.45 -4.59
N GLU B 134 25.67 4.84 -5.53
CA GLU B 134 24.36 5.41 -5.23
C GLU B 134 23.37 4.65 -6.08
N HIS B 135 22.09 4.75 -5.75
CA HIS B 135 21.08 4.05 -6.52
C HIS B 135 21.39 2.55 -6.54
N GLN B 136 21.63 1.96 -5.38
CA GLN B 136 21.92 0.53 -5.32
C GLN B 136 20.69 -0.29 -4.95
N PHE B 137 19.86 0.25 -4.07
CA PHE B 137 18.67 -0.45 -3.60
C PHE B 137 17.39 -0.02 -4.28
N ASP B 138 16.58 -1.00 -4.66
CA ASP B 138 15.30 -0.74 -5.29
C ASP B 138 14.25 -0.50 -4.22
N PHE B 139 14.55 -0.90 -2.98
CA PHE B 139 13.61 -0.71 -1.87
C PHE B 139 14.39 -0.53 -0.57
N ILE B 140 14.10 0.56 0.15
CA ILE B 140 14.73 0.86 1.43
C ILE B 140 13.61 0.97 2.47
N PHE B 141 13.84 0.43 3.67
CA PHE B 141 12.83 0.51 4.74
C PHE B 141 13.45 1.13 5.98
N ILE B 142 13.00 2.33 6.33
CA ILE B 142 13.54 3.01 7.50
C ILE B 142 12.68 2.86 8.72
N ASP B 143 13.29 2.32 9.78
CA ASP B 143 12.63 2.09 11.04
C ASP B 143 13.62 2.16 12.19
N ALA B 144 14.71 2.89 11.98
CA ALA B 144 15.75 3.04 12.98
C ALA B 144 15.38 4.10 14.02
N ASP B 145 16.38 4.55 14.80
CA ASP B 145 16.16 5.55 15.86
C ASP B 145 15.50 6.83 15.33
N LYS B 146 14.40 7.20 15.97
CA LYS B 146 13.62 8.36 15.56
C LYS B 146 14.34 9.70 15.43
N THR B 147 15.23 9.98 16.38
CA THR B 147 15.95 11.24 16.39
C THR B 147 16.91 11.51 15.22
N ASN B 148 17.13 10.50 14.38
CA ASN B 148 18.01 10.63 13.23
C ASN B 148 17.24 10.48 11.92
N TYR B 149 15.92 10.45 12.03
CA TYR B 149 15.05 10.28 10.88
C TYR B 149 15.25 11.28 9.75
N LEU B 150 15.53 12.56 10.07
CA LEU B 150 15.73 13.56 9.01
C LEU B 150 16.94 13.14 8.16
N ASN B 151 17.95 12.58 8.83
CA ASN B 151 19.17 12.15 8.17
C ASN B 151 18.96 10.93 7.28
N TYR B 152 18.42 9.87 7.88
CA TYR B 152 18.17 8.63 7.17
C TYR B 152 17.41 8.87 5.86
N TYR B 153 16.54 9.87 5.90
CA TYR B 153 15.73 10.25 4.74
C TYR B 153 16.64 10.75 3.61
N GLU B 154 17.58 11.61 3.97
CA GLU B 154 18.48 12.16 2.98
C GLU B 154 19.36 11.09 2.37
N LEU B 155 19.84 10.17 3.21
CA LEU B 155 20.68 9.07 2.73
C LEU B 155 19.88 8.18 1.79
N ALA B 156 18.65 7.85 2.21
CA ALA B 156 17.77 6.99 1.44
C ALA B 156 17.58 7.47 0.00
N LEU B 157 17.29 8.75 -0.14
CA LEU B 157 17.08 9.35 -1.44
C LEU B 157 18.30 9.14 -2.34
N LYS B 158 19.48 9.11 -1.72
CA LYS B 158 20.74 8.90 -2.44
C LYS B 158 20.98 7.45 -2.84
N LEU B 159 20.70 6.54 -1.91
CA LEU B 159 20.91 5.11 -2.10
C LEU B 159 19.86 4.40 -2.94
N VAL B 160 18.61 4.85 -2.89
CA VAL B 160 17.55 4.20 -3.67
C VAL B 160 17.70 4.49 -5.17
N THR B 161 17.28 3.54 -5.99
CA THR B 161 17.36 3.69 -7.45
C THR B 161 16.15 4.47 -7.96
N PRO B 162 16.22 4.99 -9.20
CA PRO B 162 15.05 5.72 -9.71
C PRO B 162 14.01 4.61 -9.89
N LYS B 163 12.73 4.95 -9.88
CA LYS B 163 11.70 3.91 -9.98
C LYS B 163 11.79 3.07 -8.70
N GLY B 164 12.57 3.55 -7.73
CA GLY B 164 12.74 2.83 -6.48
C GLY B 164 11.75 3.32 -5.44
N LEU B 165 11.79 2.75 -4.23
CA LEU B 165 10.85 3.14 -3.19
C LEU B 165 11.41 3.14 -1.78
N ILE B 166 10.98 4.10 -0.99
CA ILE B 166 11.39 4.21 0.41
C ILE B 166 10.15 4.15 1.28
N ALA B 167 10.18 3.29 2.29
CA ALA B 167 9.07 3.15 3.21
C ALA B 167 9.53 3.63 4.59
N ILE B 168 8.78 4.55 5.20
CA ILE B 168 9.14 5.08 6.51
C ILE B 168 8.08 4.61 7.49
N ASP B 169 8.49 4.13 8.65
CA ASP B 169 7.51 3.70 9.63
C ASP B 169 7.41 4.72 10.75
N ASN B 170 6.40 4.55 11.61
CA ASN B 170 6.18 5.43 12.75
C ASN B 170 5.99 6.89 12.33
N ILE B 171 5.16 7.12 11.32
CA ILE B 171 4.93 8.49 10.88
C ILE B 171 4.01 9.28 11.83
N PHE B 172 3.08 8.59 12.51
CA PHE B 172 2.16 9.26 13.45
C PHE B 172 2.68 9.16 14.90
N TRP B 173 3.74 8.37 15.11
CA TRP B 173 4.33 8.18 16.45
C TRP B 173 3.27 8.05 17.56
N ASP B 174 2.26 7.24 17.30
CA ASP B 174 1.18 7.00 18.26
C ASP B 174 0.38 8.26 18.60
N GLY B 175 0.08 9.07 17.60
CA GLY B 175 -0.68 10.27 17.85
C GLY B 175 0.10 11.42 18.47
N LYS B 176 1.36 11.15 18.81
CA LYS B 176 2.23 12.16 19.42
C LYS B 176 2.57 13.29 18.47
N VAL B 177 2.39 13.06 17.16
CA VAL B 177 2.70 14.06 16.15
C VAL B 177 1.81 15.30 16.22
N ILE B 178 0.69 15.18 16.94
CA ILE B 178 -0.27 16.27 17.12
C ILE B 178 -0.05 17.00 18.46
N ASP B 179 0.18 16.22 19.52
CA ASP B 179 0.42 16.73 20.87
C ASP B 179 1.29 18.00 20.89
N PRO B 180 0.76 19.10 21.48
CA PRO B 180 1.51 20.35 21.55
C PRO B 180 2.41 20.40 22.79
N ASN B 181 2.10 19.51 23.75
CA ASN B 181 2.81 19.38 25.02
C ASN B 181 3.96 18.37 24.94
N ASP B 182 4.34 18.00 23.73
CA ASP B 182 5.42 17.03 23.50
C ASP B 182 6.73 17.71 23.12
N THR B 183 7.76 17.48 23.94
CA THR B 183 9.09 18.08 23.75
C THR B 183 10.14 17.11 23.21
N SER B 184 9.97 15.82 23.54
CA SER B 184 10.91 14.80 23.11
C SER B 184 11.43 14.94 21.68
N GLY B 185 12.76 14.86 21.56
CA GLY B 185 13.41 14.97 20.28
C GLY B 185 12.94 13.90 19.31
N GLN B 186 12.39 12.82 19.86
CA GLN B 186 11.87 11.73 19.03
C GLN B 186 10.66 12.20 18.22
N THR B 187 9.57 12.55 18.89
CA THR B 187 8.38 13.04 18.17
C THR B 187 8.70 14.34 17.46
N ARG B 188 9.56 15.15 18.06
CA ARG B 188 9.97 16.43 17.47
C ARG B 188 10.63 16.22 16.10
N GLU B 189 11.56 15.27 16.03
CA GLU B 189 12.26 14.95 14.78
C GLU B 189 11.36 14.29 13.74
N ILE B 190 10.32 13.60 14.21
CA ILE B 190 9.36 12.98 13.29
C ILE B 190 8.60 14.14 12.65
N LYS B 191 8.00 14.98 13.48
CA LYS B 191 7.26 16.14 13.01
C LYS B 191 8.05 16.92 11.96
N LYS B 192 9.33 17.17 12.27
CA LYS B 192 10.21 17.91 11.36
C LYS B 192 10.29 17.20 10.01
N LEU B 193 10.48 15.88 10.05
CA LEU B 193 10.57 15.07 8.85
C LEU B 193 9.32 15.15 7.98
N ASN B 194 8.17 14.98 8.62
CA ASN B 194 6.90 15.02 7.89
C ASN B 194 6.72 16.33 7.15
N GLN B 195 7.24 17.40 7.73
CA GLN B 195 7.18 18.72 7.11
C GLN B 195 8.11 18.75 5.92
N VAL B 196 9.26 18.11 6.07
CA VAL B 196 10.26 18.05 5.00
C VAL B 196 9.66 17.28 3.83
N ILE B 197 9.02 16.16 4.14
CA ILE B 197 8.39 15.33 3.12
C ILE B 197 7.23 16.12 2.51
N LYS B 198 6.46 16.76 3.37
CA LYS B 198 5.31 17.56 2.95
C LYS B 198 5.65 18.53 1.83
N ASN B 199 6.78 19.20 1.97
CA ASN B 199 7.24 20.19 1.00
C ASN B 199 8.33 19.68 0.07
N ASP B 200 8.51 18.37 -0.01
CA ASP B 200 9.57 17.83 -0.86
C ASP B 200 9.15 17.62 -2.29
N SER B 201 9.66 18.48 -3.18
CA SER B 201 9.33 18.41 -4.60
C SER B 201 10.10 17.33 -5.38
N ARG B 202 11.14 16.78 -4.75
CA ARG B 202 11.96 15.75 -5.37
C ARG B 202 11.25 14.40 -5.51
N VAL B 203 10.19 14.20 -4.73
CA VAL B 203 9.52 12.91 -4.73
C VAL B 203 8.01 12.86 -4.94
N PHE B 204 7.53 11.63 -5.18
CA PHE B 204 6.10 11.33 -5.31
C PHE B 204 5.82 10.78 -3.90
N VAL B 205 4.69 11.15 -3.31
CA VAL B 205 4.43 10.67 -1.96
C VAL B 205 3.12 9.91 -1.81
N SER B 206 2.95 9.31 -0.64
CA SER B 206 1.75 8.55 -0.30
C SER B 206 1.85 8.13 1.15
N LEU B 207 0.81 8.41 1.92
CA LEU B 207 0.85 8.05 3.33
C LEU B 207 -0.28 7.09 3.70
N LEU B 208 0.10 5.88 4.10
CA LEU B 208 -0.84 4.84 4.50
C LEU B 208 -1.15 4.83 5.99
N ALA B 209 -2.43 4.67 6.30
CA ALA B 209 -2.89 4.60 7.69
C ALA B 209 -2.88 3.14 8.18
N ILE B 210 -1.70 2.54 8.09
CA ILE B 210 -1.45 1.17 8.53
C ILE B 210 -0.24 1.27 9.48
N ALA B 211 -0.15 0.36 10.44
CA ALA B 211 0.94 0.37 11.40
C ALA B 211 0.82 1.69 12.16
N ASP B 212 1.94 2.39 12.33
CA ASP B 212 1.97 3.68 13.01
C ASP B 212 2.04 4.75 11.93
N GLY B 213 1.55 4.40 10.75
CA GLY B 213 1.61 5.31 9.63
C GLY B 213 2.83 4.94 8.81
N MET B 214 2.65 4.82 7.50
CA MET B 214 3.76 4.47 6.65
C MET B 214 3.83 5.36 5.41
N PHE B 215 4.87 6.19 5.34
CA PHE B 215 5.08 7.07 4.20
C PHE B 215 5.79 6.22 3.15
N LEU B 216 5.43 6.45 1.90
CA LEU B 216 6.05 5.75 0.79
C LEU B 216 6.40 6.85 -0.19
N VAL B 217 7.68 7.12 -0.35
CA VAL B 217 8.08 8.17 -1.28
C VAL B 217 8.90 7.54 -2.40
N GLN B 218 8.82 8.13 -3.58
CA GLN B 218 9.60 7.63 -4.68
C GLN B 218 10.14 8.83 -5.46
N PRO B 219 11.37 8.72 -6.00
CA PRO B 219 12.08 9.75 -6.79
C PRO B 219 11.33 10.40 -7.94
N ILE B 220 11.92 11.47 -8.46
CA ILE B 220 11.40 12.28 -9.57
C ILE B 220 10.09 12.99 -9.19
#